data_6BR4
#
_entry.id   6BR4
#
_cell.length_a   116.224
_cell.length_b   63.937
_cell.length_c   74.510
_cell.angle_alpha   90.000
_cell.angle_beta   126.150
_cell.angle_gamma   90.000
#
_symmetry.space_group_name_H-M   'C 1 2 1'
#
loop_
_entity.id
_entity.type
_entity.pdbx_description
1 polymer 'Thiol:disulfide interchange protein DsbA'
2 non-polymer ~{N}-methyl-1-(3-thiophen-2-ylphenyl)methanamine
3 non-polymer 'COPPER (II) ION'
4 water water
#
_entity_poly.entity_id   1
_entity_poly.type   'polypeptide(L)'
_entity_poly.pdbx_seq_one_letter_code
;AQYEDGKQYTTLEKPVAGAPQVLEFFSFFCPHCYQFEEVLHISDNVKKKLPEGVKMTKYHVNFMGGDLGKDLTQAWAVAM
ALGVEDKVTVPLFEGVQKTQTIRSASDIRDVFINAGIKGEEYDAAWNSFVVKSLVAQQEKAAADVQLRGVPAMFVNGKYQ
LNPQGMDTSNMDVFVQQYADTVKYLSEKK
;
_entity_poly.pdbx_strand_id   A,B
#
# COMPACT_ATOMS: atom_id res chain seq x y z
N ALA A 1 5.50 -11.14 31.56
CA ALA A 1 5.43 -12.38 30.80
C ALA A 1 5.83 -12.16 29.34
N GLN A 2 5.76 -13.23 28.54
CA GLN A 2 6.17 -13.13 27.15
C GLN A 2 5.08 -12.51 26.29
N TYR A 3 3.83 -12.91 26.49
CA TYR A 3 2.66 -12.24 25.94
C TYR A 3 1.97 -11.51 27.07
N GLU A 4 1.66 -10.23 26.87
CA GLU A 4 1.01 -9.47 27.92
C GLU A 4 -0.02 -8.50 27.34
N ASP A 5 -1.12 -8.37 28.08
CA ASP A 5 -2.17 -7.45 27.68
C ASP A 5 -1.63 -6.03 27.58
N GLY A 6 -2.01 -5.33 26.51
CA GLY A 6 -1.46 -4.04 26.19
C GLY A 6 -0.21 -4.07 25.34
N LYS A 7 0.36 -5.25 25.12
CA LYS A 7 1.58 -5.36 24.33
C LYS A 7 1.26 -5.91 22.94
N GLN A 8 1.30 -7.23 22.78
CA GLN A 8 0.99 -7.84 21.49
C GLN A 8 -0.50 -7.84 21.18
N TYR A 9 -1.32 -7.50 22.17
CA TYR A 9 -2.77 -7.58 22.07
C TYR A 9 -3.37 -6.73 23.16
N THR A 10 -4.61 -6.32 22.97
CA THR A 10 -5.40 -5.67 24.00
C THR A 10 -6.62 -6.53 24.28
N THR A 11 -7.30 -6.21 25.38
CA THR A 11 -8.50 -6.91 25.80
C THR A 11 -9.70 -5.98 25.66
N LEU A 12 -10.74 -6.46 24.99
CA LEU A 12 -11.95 -5.68 24.81
C LEU A 12 -12.59 -5.37 26.17
N GLU A 13 -12.84 -4.07 26.42
CA GLU A 13 -13.45 -3.69 27.68
C GLU A 13 -14.88 -4.22 27.77
N LYS A 14 -15.55 -4.39 26.64
CA LYS A 14 -16.86 -5.05 26.60
C LYS A 14 -16.78 -6.25 25.67
N PRO A 15 -16.54 -7.44 26.23
CA PRO A 15 -16.40 -8.64 25.40
C PRO A 15 -17.65 -8.94 24.57
N VAL A 16 -17.43 -9.33 23.32
CA VAL A 16 -18.51 -9.60 22.38
C VAL A 16 -18.92 -11.06 22.48
N ALA A 17 -20.17 -11.29 22.87
CA ALA A 17 -20.71 -12.63 23.00
C ALA A 17 -21.08 -13.21 21.65
N GLY A 18 -20.76 -14.49 21.46
CA GLY A 18 -21.10 -15.19 20.23
C GLY A 18 -20.31 -14.79 19.01
N ALA A 19 -19.10 -14.24 19.21
CA ALA A 19 -18.29 -13.74 18.11
C ALA A 19 -17.49 -14.87 17.46
N PRO A 20 -17.19 -14.75 16.17
CA PRO A 20 -16.35 -15.76 15.51
C PRO A 20 -15.01 -15.94 16.24
N GLN A 21 -14.41 -17.12 16.04
CA GLN A 21 -13.21 -17.45 16.78
C GLN A 21 -12.05 -16.52 16.41
N VAL A 22 -11.76 -16.40 15.12
CA VAL A 22 -10.75 -15.48 14.61
C VAL A 22 -11.43 -14.62 13.55
N LEU A 23 -11.46 -13.32 13.77
CA LEU A 23 -12.22 -12.39 12.94
C LEU A 23 -11.28 -11.30 12.47
N GLU A 24 -11.01 -11.29 11.17
CA GLU A 24 -10.20 -10.28 10.52
C GLU A 24 -11.10 -9.29 9.77
N PHE A 25 -10.75 -8.00 9.85
CA PHE A 25 -11.44 -6.96 9.11
C PHE A 25 -10.44 -6.26 8.20
N PHE A 26 -10.89 -5.86 7.02
CA PHE A 26 -10.02 -5.16 6.09
C PHE A 26 -10.87 -4.30 5.16
N SER A 27 -10.18 -3.53 4.34
CA SER A 27 -10.79 -2.77 3.27
C SER A 27 -9.86 -2.82 2.07
N PHE A 28 -10.43 -2.99 0.87
CA PHE A 28 -9.62 -2.92 -0.33
C PHE A 28 -9.05 -1.53 -0.58
N PHE A 29 -9.53 -0.52 0.15
CA PHE A 29 -8.98 0.84 0.12
C PHE A 29 -7.83 1.06 1.08
N CYS A 30 -7.59 0.12 1.98
CA CYS A 30 -6.76 0.35 3.14
C CYS A 30 -5.30 0.03 2.80
N PRO A 31 -4.40 1.03 2.77
CA PRO A 31 -3.03 0.74 2.35
C PRO A 31 -2.32 -0.26 3.23
N HIS A 32 -2.55 -0.23 4.54
CA HIS A 32 -1.92 -1.25 5.38
C HIS A 32 -2.50 -2.64 5.13
N CYS A 33 -3.80 -2.71 4.77
CA CYS A 33 -4.42 -4.00 4.45
C CYS A 33 -3.85 -4.60 3.18
N TYR A 34 -3.54 -3.76 2.19
CA TYR A 34 -2.81 -4.22 1.02
C TYR A 34 -1.49 -4.88 1.41
N GLN A 35 -0.72 -4.23 2.30
CA GLN A 35 0.53 -4.83 2.76
C GLN A 35 0.26 -6.15 3.48
N PHE A 36 -0.70 -6.14 4.42
CA PHE A 36 -0.98 -7.34 5.22
C PHE A 36 -1.28 -8.53 4.33
N GLU A 37 -2.06 -8.30 3.29
CA GLU A 37 -2.55 -9.38 2.46
C GLU A 37 -1.60 -9.70 1.30
N GLU A 38 -1.20 -8.67 0.54
CA GLU A 38 -0.45 -8.95 -0.67
C GLU A 38 1.04 -9.16 -0.42
N VAL A 39 1.60 -8.56 0.63
CA VAL A 39 3.04 -8.57 0.87
C VAL A 39 3.41 -9.50 2.02
N LEU A 40 2.72 -9.37 3.15
CA LEU A 40 2.96 -10.15 4.35
C LEU A 40 2.16 -11.44 4.41
N HIS A 41 0.98 -11.49 3.77
CA HIS A 41 0.13 -12.68 3.74
C HIS A 41 -0.30 -13.08 5.15
N ILE A 42 -0.79 -12.11 5.90
CA ILE A 42 -1.12 -12.32 7.31
C ILE A 42 -2.19 -13.41 7.46
N SER A 43 -3.30 -13.27 6.72
CA SER A 43 -4.42 -14.21 6.87
C SER A 43 -3.95 -15.64 6.68
N ASP A 44 -3.21 -15.88 5.58
CA ASP A 44 -2.73 -17.23 5.30
C ASP A 44 -1.83 -17.75 6.42
N ASN A 45 -0.88 -16.93 6.87
CA ASN A 45 0.04 -17.40 7.89
C ASN A 45 -0.65 -17.59 9.25
N VAL A 46 -1.64 -16.77 9.56
CA VAL A 46 -2.44 -16.97 10.76
C VAL A 46 -3.27 -18.24 10.63
N LYS A 47 -4.22 -18.23 9.67
CA LYS A 47 -4.94 -19.44 9.26
C LYS A 47 -4.06 -20.68 9.43
N LYS A 48 -2.88 -20.62 8.81
CA LYS A 48 -1.93 -21.71 8.92
C LYS A 48 -1.66 -22.12 10.36
N LYS A 49 -1.20 -21.25 11.21
CA LYS A 49 -0.86 -21.65 12.55
C LYS A 49 -2.06 -21.95 13.51
N LEU A 50 -3.31 -21.85 13.03
CA LEU A 50 -4.44 -21.98 13.94
C LEU A 50 -4.61 -23.42 14.41
N PRO A 51 -5.00 -23.62 15.67
CA PRO A 51 -5.30 -24.98 16.16
C PRO A 51 -6.48 -25.59 15.42
N GLU A 52 -6.58 -26.91 15.55
CA GLU A 52 -7.65 -27.64 14.87
C GLU A 52 -9.00 -27.31 15.48
N GLY A 53 -10.01 -27.10 14.64
CA GLY A 53 -11.30 -26.67 15.11
C GLY A 53 -11.45 -25.17 15.31
N VAL A 54 -10.46 -24.38 14.88
CA VAL A 54 -10.52 -22.92 14.98
C VAL A 54 -10.74 -22.39 13.58
N LYS A 55 -11.93 -21.83 13.34
CA LYS A 55 -12.33 -21.27 12.06
C LYS A 55 -11.90 -19.82 11.92
N MET A 56 -11.56 -19.40 10.71
CA MET A 56 -11.14 -18.04 10.45
C MET A 56 -12.18 -17.33 9.58
N THR A 57 -12.58 -16.13 10.01
CA THR A 57 -13.55 -15.32 9.29
C THR A 57 -12.93 -13.98 8.90
N LYS A 58 -13.13 -13.56 7.66
CA LYS A 58 -12.61 -12.27 7.21
C LYS A 58 -13.71 -11.47 6.55
N TYR A 59 -13.89 -10.23 7.01
CA TYR A 59 -14.97 -9.35 6.58
C TYR A 59 -14.42 -8.03 6.07
N HIS A 60 -15.07 -7.46 5.04
CA HIS A 60 -14.80 -6.12 4.54
C HIS A 60 -15.55 -5.07 5.38
N VAL A 61 -15.08 -3.81 5.33
CA VAL A 61 -15.71 -2.74 6.10
C VAL A 61 -16.11 -1.62 5.17
N ASN A 62 -17.03 -0.77 5.66
CA ASN A 62 -17.62 0.29 4.86
C ASN A 62 -16.92 1.62 5.01
N PHE A 63 -16.23 1.86 6.14
CA PHE A 63 -15.91 3.23 6.52
C PHE A 63 -14.74 3.83 5.73
N MET A 64 -14.24 3.18 4.68
CA MET A 64 -13.27 3.79 3.79
C MET A 64 -13.81 3.75 2.38
N GLY A 65 -13.60 4.84 1.65
CA GLY A 65 -13.91 4.85 0.23
C GLY A 65 -15.34 5.18 -0.11
N GLY A 66 -16.13 5.65 0.85
CA GLY A 66 -17.46 6.16 0.56
C GLY A 66 -18.34 5.16 -0.15
N ASP A 67 -18.92 5.60 -1.27
CA ASP A 67 -19.84 4.76 -2.01
C ASP A 67 -19.19 3.49 -2.52
N LEU A 68 -17.98 3.63 -3.09
CA LEU A 68 -17.28 2.47 -3.61
C LEU A 68 -16.91 1.51 -2.48
N GLY A 69 -16.56 2.07 -1.32
CA GLY A 69 -16.25 1.22 -0.18
C GLY A 69 -17.40 0.30 0.17
N LYS A 70 -18.63 0.83 0.07
CA LYS A 70 -19.82 0.04 0.34
C LYS A 70 -20.07 -0.99 -0.77
N ASP A 71 -19.85 -0.60 -2.03
CA ASP A 71 -19.90 -1.58 -3.12
C ASP A 71 -18.94 -2.73 -2.87
N LEU A 72 -17.73 -2.42 -2.38
CA LEU A 72 -16.74 -3.46 -2.12
C LEU A 72 -17.17 -4.40 -1.01
N THR A 73 -17.89 -3.90 0.00
CA THR A 73 -18.41 -4.80 1.03
C THR A 73 -19.44 -5.77 0.45
N GLN A 74 -20.28 -5.27 -0.46
CA GLN A 74 -21.24 -6.14 -1.12
C GLN A 74 -20.54 -7.15 -2.02
N ALA A 75 -19.50 -6.71 -2.74
CA ALA A 75 -18.76 -7.61 -3.59
C ALA A 75 -18.04 -8.68 -2.78
N TRP A 76 -17.50 -8.30 -1.62
CA TRP A 76 -16.90 -9.31 -0.75
C TRP A 76 -17.95 -10.31 -0.28
N ALA A 77 -19.16 -9.82 0.00
CA ALA A 77 -20.26 -10.74 0.25
C ALA A 77 -20.48 -11.69 -0.92
N VAL A 78 -20.46 -11.17 -2.16
CA VAL A 78 -20.54 -12.05 -3.33
C VAL A 78 -19.40 -13.05 -3.32
N ALA A 79 -18.18 -12.59 -3.04
CA ALA A 79 -17.03 -13.48 -3.00
C ALA A 79 -17.23 -14.59 -1.99
N MET A 80 -17.74 -14.26 -0.81
CA MET A 80 -17.96 -15.28 0.21
C MET A 80 -19.06 -16.24 -0.21
N ALA A 81 -20.15 -15.71 -0.78
CA ALA A 81 -21.29 -16.56 -1.13
C ALA A 81 -20.90 -17.57 -2.20
N LEU A 82 -20.13 -17.14 -3.20
CA LEU A 82 -19.66 -17.99 -4.27
C LEU A 82 -18.44 -18.81 -3.90
N GLY A 83 -17.75 -18.47 -2.81
CA GLY A 83 -16.53 -19.17 -2.44
C GLY A 83 -15.34 -18.86 -3.34
N VAL A 84 -15.23 -17.62 -3.81
CA VAL A 84 -14.16 -17.29 -4.75
C VAL A 84 -13.20 -16.26 -4.17
N GLU A 85 -13.10 -16.20 -2.83
CA GLU A 85 -12.20 -15.25 -2.20
C GLU A 85 -10.78 -15.35 -2.73
N ASP A 86 -10.26 -16.57 -2.86
CA ASP A 86 -8.88 -16.78 -3.28
C ASP A 86 -8.65 -16.43 -4.75
N LYS A 87 -9.73 -16.15 -5.48
CA LYS A 87 -9.63 -15.74 -6.87
C LYS A 87 -9.71 -14.22 -7.07
N VAL A 88 -10.38 -13.49 -6.18
CA VAL A 88 -10.66 -12.07 -6.41
C VAL A 88 -9.88 -11.15 -5.47
N THR A 89 -9.29 -11.68 -4.41
CA THR A 89 -8.64 -10.80 -3.44
C THR A 89 -7.48 -10.03 -4.06
N VAL A 90 -6.61 -10.72 -4.79
CA VAL A 90 -5.45 -10.06 -5.39
C VAL A 90 -5.95 -9.03 -6.40
N PRO A 91 -6.76 -9.39 -7.41
CA PRO A 91 -7.12 -8.38 -8.42
C PRO A 91 -7.99 -7.25 -7.87
N LEU A 92 -8.71 -7.48 -6.78
CA LEU A 92 -9.44 -6.38 -6.17
C LEU A 92 -8.49 -5.40 -5.50
N PHE A 93 -7.55 -5.89 -4.70
CA PHE A 93 -6.55 -5.00 -4.11
C PHE A 93 -5.77 -4.24 -5.20
N GLU A 94 -5.34 -4.94 -6.24
CA GLU A 94 -4.53 -4.24 -7.24
C GLU A 94 -5.38 -3.26 -8.05
N GLY A 95 -6.63 -3.62 -8.35
CA GLY A 95 -7.50 -2.71 -9.07
C GLY A 95 -7.81 -1.44 -8.30
N VAL A 96 -7.95 -1.54 -6.97
CA VAL A 96 -8.21 -0.34 -6.17
C VAL A 96 -6.93 0.47 -5.95
N GLN A 97 -5.82 -0.21 -5.62
CA GLN A 97 -4.65 0.52 -5.14
C GLN A 97 -3.46 0.51 -6.07
N LYS A 98 -3.30 -0.49 -6.94
CA LYS A 98 -2.13 -0.51 -7.80
C LYS A 98 -2.39 0.13 -9.15
N THR A 99 -3.36 -0.40 -9.90
CA THR A 99 -3.72 0.17 -11.19
C THR A 99 -4.77 1.26 -11.10
N GLN A 100 -5.47 1.36 -9.97
CA GLN A 100 -6.54 2.33 -9.76
C GLN A 100 -7.51 2.36 -10.93
N THR A 101 -7.83 1.16 -11.43
CA THR A 101 -8.80 0.94 -12.48
C THR A 101 -10.19 0.60 -11.94
N ILE A 102 -10.34 0.44 -10.62
CA ILE A 102 -11.63 0.17 -10.01
C ILE A 102 -12.20 1.49 -9.51
N ARG A 103 -13.20 1.99 -10.22
CA ARG A 103 -13.82 3.26 -9.89
C ARG A 103 -15.34 3.15 -9.73
N SER A 104 -15.93 2.00 -9.99
CA SER A 104 -17.38 1.86 -10.00
C SER A 104 -17.70 0.42 -9.70
N ALA A 105 -18.98 0.16 -9.38
CA ALA A 105 -19.46 -1.20 -9.16
C ALA A 105 -19.24 -2.06 -10.41
N SER A 106 -19.38 -1.46 -11.59
CA SER A 106 -19.11 -2.20 -12.83
C SER A 106 -17.65 -2.62 -12.93
N ASP A 107 -16.71 -1.73 -12.54
CA ASP A 107 -15.30 -2.11 -12.55
C ASP A 107 -15.04 -3.26 -11.57
N ILE A 108 -15.70 -3.24 -10.42
CA ILE A 108 -15.58 -4.38 -9.49
C ILE A 108 -16.04 -5.66 -10.17
N ARG A 109 -17.24 -5.62 -10.78
CA ARG A 109 -17.79 -6.77 -11.49
C ARG A 109 -16.82 -7.31 -12.54
N ASP A 110 -16.15 -6.41 -13.27
CA ASP A 110 -15.15 -6.82 -14.28
C ASP A 110 -14.12 -7.77 -13.69
N VAL A 111 -13.67 -7.49 -12.46
CA VAL A 111 -12.65 -8.33 -11.83
C VAL A 111 -13.17 -9.75 -11.67
N PHE A 112 -14.43 -9.91 -11.25
CA PHE A 112 -15.02 -11.25 -11.11
C PHE A 112 -15.18 -11.93 -12.46
N ILE A 113 -15.66 -11.20 -13.48
CA ILE A 113 -15.77 -11.76 -14.83
C ILE A 113 -14.41 -12.26 -15.31
N ASN A 114 -13.38 -11.42 -15.19
CA ASN A 114 -12.03 -11.80 -15.61
C ASN A 114 -11.51 -13.00 -14.83
N ALA A 115 -11.87 -13.12 -13.56
CA ALA A 115 -11.50 -14.27 -12.75
C ALA A 115 -12.32 -15.52 -13.08
N GLY A 116 -13.29 -15.42 -13.99
CA GLY A 116 -14.00 -16.60 -14.47
C GLY A 116 -15.37 -16.82 -13.86
N ILE A 117 -15.85 -15.92 -13.01
CA ILE A 117 -17.23 -16.01 -12.52
C ILE A 117 -18.14 -15.53 -13.64
N LYS A 118 -19.16 -16.32 -13.97
CA LYS A 118 -20.03 -15.96 -15.07
C LYS A 118 -20.83 -14.72 -14.72
N GLY A 119 -21.10 -13.92 -15.75
CA GLY A 119 -21.87 -12.69 -15.55
C GLY A 119 -23.20 -12.93 -14.88
N GLU A 120 -23.93 -13.95 -15.32
CA GLU A 120 -25.25 -14.21 -14.74
C GLU A 120 -25.12 -14.61 -13.27
N GLU A 121 -24.06 -15.33 -12.94
CA GLU A 121 -23.88 -15.84 -11.58
C GLU A 121 -23.50 -14.70 -10.64
N TYR A 122 -22.62 -13.82 -11.09
CA TYR A 122 -22.29 -12.64 -10.30
C TYR A 122 -23.52 -11.80 -10.04
N ASP A 123 -24.29 -11.51 -11.09
CA ASP A 123 -25.42 -10.60 -10.96
C ASP A 123 -26.50 -11.18 -10.06
N ALA A 124 -26.82 -12.47 -10.23
CA ALA A 124 -27.79 -13.12 -9.35
C ALA A 124 -27.33 -13.06 -7.89
N ALA A 125 -26.05 -13.34 -7.64
CA ALA A 125 -25.53 -13.25 -6.29
C ALA A 125 -25.58 -11.81 -5.80
N TRP A 126 -25.08 -10.88 -6.60
CA TRP A 126 -25.07 -9.47 -6.22
C TRP A 126 -26.44 -9.00 -5.77
N ASN A 127 -27.50 -9.44 -6.43
CA ASN A 127 -28.84 -8.97 -6.15
C ASN A 127 -29.56 -9.82 -5.13
N SER A 128 -28.92 -10.88 -4.63
CA SER A 128 -29.61 -11.87 -3.80
C SER A 128 -29.76 -11.36 -2.38
N PHE A 129 -30.77 -11.90 -1.68
CA PHE A 129 -30.90 -11.62 -0.25
C PHE A 129 -29.94 -12.44 0.59
N VAL A 130 -29.44 -13.57 0.08
CA VAL A 130 -28.32 -14.23 0.74
C VAL A 130 -27.15 -13.27 0.85
N VAL A 131 -26.89 -12.48 -0.19
CA VAL A 131 -25.77 -11.56 -0.15
C VAL A 131 -26.09 -10.38 0.76
N LYS A 132 -27.34 -9.90 0.73
CA LYS A 132 -27.74 -8.86 1.69
C LYS A 132 -27.55 -9.33 3.13
N SER A 133 -27.91 -10.59 3.41
CA SER A 133 -27.66 -11.14 4.74
C SER A 133 -26.16 -11.17 5.05
N LEU A 134 -25.33 -11.52 4.06
CA LEU A 134 -23.89 -11.53 4.30
C LEU A 134 -23.34 -10.13 4.51
N VAL A 135 -23.85 -9.14 3.76
CA VAL A 135 -23.48 -7.76 4.06
C VAL A 135 -23.84 -7.41 5.49
N ALA A 136 -25.07 -7.74 5.91
CA ALA A 136 -25.50 -7.43 7.27
C ALA A 136 -24.59 -8.09 8.30
N GLN A 137 -24.17 -9.32 8.05
CA GLN A 137 -23.29 -9.99 9.01
C GLN A 137 -21.97 -9.25 9.14
N GLN A 138 -21.44 -8.74 8.02
CA GLN A 138 -20.17 -8.01 8.08
C GLN A 138 -20.33 -6.72 8.86
N GLU A 139 -21.41 -6.00 8.62
CA GLU A 139 -21.63 -4.75 9.34
C GLU A 139 -21.87 -5.01 10.83
N LYS A 140 -22.61 -6.05 11.16
CA LYS A 140 -22.88 -6.32 12.56
C LYS A 140 -21.61 -6.65 13.31
N ALA A 141 -20.77 -7.49 12.71
CA ALA A 141 -19.55 -7.91 13.37
C ALA A 141 -18.65 -6.70 13.65
N ALA A 142 -18.52 -5.80 12.68
CA ALA A 142 -17.75 -4.59 12.90
C ALA A 142 -18.42 -3.70 13.94
N ALA A 143 -19.75 -3.60 13.89
CA ALA A 143 -20.46 -2.81 14.89
C ALA A 143 -20.20 -3.35 16.28
N ASP A 144 -20.17 -4.67 16.43
CA ASP A 144 -20.03 -5.29 17.75
C ASP A 144 -18.78 -4.82 18.48
N VAL A 145 -17.74 -4.39 17.76
CA VAL A 145 -16.48 -4.01 18.38
C VAL A 145 -16.16 -2.53 18.19
N GLN A 146 -17.13 -1.72 17.72
CA GLN A 146 -16.91 -0.29 17.53
C GLN A 146 -15.74 -0.08 16.55
N LEU A 147 -15.74 -0.83 15.46
CA LEU A 147 -14.56 -0.92 14.62
C LEU A 147 -14.34 0.38 13.86
N ARG A 148 -13.17 0.95 13.99
CA ARG A 148 -12.89 2.13 13.21
C ARG A 148 -11.50 2.18 12.60
N GLY A 149 -10.72 1.12 12.72
CA GLY A 149 -9.52 1.10 11.94
C GLY A 149 -9.35 -0.28 11.39
N VAL A 150 -8.77 -0.38 10.19
CA VAL A 150 -8.32 -1.66 9.65
C VAL A 150 -6.85 -1.49 9.30
N PRO A 151 -6.12 -2.59 9.12
CA PRO A 151 -6.51 -3.97 9.39
C PRO A 151 -6.75 -4.19 10.88
N ALA A 152 -7.57 -5.19 11.20
CA ALA A 152 -7.80 -5.56 12.60
C ALA A 152 -8.07 -7.06 12.66
N MET A 153 -7.69 -7.65 13.79
CA MET A 153 -8.01 -9.04 14.04
C MET A 153 -8.41 -9.21 15.50
N PHE A 154 -9.50 -9.94 15.71
CA PHE A 154 -10.09 -10.17 17.03
C PHE A 154 -10.13 -11.68 17.26
N VAL A 155 -9.91 -12.09 18.50
CA VAL A 155 -9.96 -13.50 18.87
C VAL A 155 -11.05 -13.69 19.92
N ASN A 156 -12.06 -14.48 19.57
CA ASN A 156 -13.14 -14.90 20.48
C ASN A 156 -13.87 -13.71 21.10
N GLY A 157 -14.00 -12.63 20.33
CA GLY A 157 -14.71 -11.46 20.82
C GLY A 157 -14.13 -10.82 22.07
N LYS A 158 -12.92 -11.21 22.45
CA LYS A 158 -12.34 -10.73 23.70
C LYS A 158 -11.00 -10.02 23.50
N TYR A 159 -10.19 -10.44 22.54
CA TYR A 159 -8.84 -9.94 22.39
C TYR A 159 -8.65 -9.35 20.99
N GLN A 160 -7.93 -8.23 20.92
CA GLN A 160 -7.68 -7.51 19.69
C GLN A 160 -6.19 -7.46 19.45
N LEU A 161 -5.76 -7.94 18.28
CA LEU A 161 -4.33 -7.98 17.94
C LEU A 161 -3.76 -6.57 17.98
N ASN A 162 -2.52 -6.44 18.43
CA ASN A 162 -1.84 -5.15 18.51
C ASN A 162 -0.50 -5.22 17.80
N PRO A 163 -0.49 -5.12 16.47
CA PRO A 163 0.77 -5.25 15.73
C PRO A 163 1.78 -4.16 16.06
N GLN A 164 1.33 -3.04 16.62
CA GLN A 164 2.24 -1.94 16.93
C GLN A 164 3.29 -2.35 17.94
N GLY A 165 3.03 -3.37 18.76
CA GLY A 165 4.05 -3.90 19.63
C GLY A 165 4.83 -5.07 19.03
N MET A 166 5.38 -4.89 17.83
CA MET A 166 6.09 -5.94 17.10
C MET A 166 7.13 -5.32 16.17
N ASP A 167 8.30 -5.96 16.06
CA ASP A 167 9.41 -5.42 15.26
C ASP A 167 9.20 -5.71 13.78
N THR A 168 9.37 -4.68 12.94
CA THR A 168 9.13 -4.79 11.50
C THR A 168 10.40 -4.59 10.68
N SER A 169 11.58 -4.71 11.29
CA SER A 169 12.81 -4.65 10.53
C SER A 169 12.93 -5.85 9.59
N ASN A 170 12.30 -6.97 9.95
CA ASN A 170 12.21 -8.15 9.12
C ASN A 170 10.73 -8.51 8.98
N MET A 171 10.26 -8.60 7.74
CA MET A 171 8.85 -8.83 7.52
C MET A 171 8.43 -10.22 8.01
N ASP A 172 9.26 -11.22 7.75
CA ASP A 172 8.89 -12.59 8.04
C ASP A 172 8.77 -12.83 9.53
N VAL A 173 9.67 -12.23 10.31
CA VAL A 173 9.60 -12.34 11.76
C VAL A 173 8.32 -11.69 12.28
N PHE A 174 7.99 -10.50 11.76
CA PHE A 174 6.76 -9.83 12.17
C PHE A 174 5.56 -10.74 11.94
N VAL A 175 5.48 -11.37 10.77
CA VAL A 175 4.34 -12.20 10.42
C VAL A 175 4.21 -13.37 11.38
N GLN A 176 5.32 -14.06 11.67
CA GLN A 176 5.23 -15.24 12.51
C GLN A 176 4.95 -14.86 13.97
N GLN A 177 5.44 -13.71 14.42
CA GLN A 177 5.04 -13.21 15.73
C GLN A 177 3.54 -12.94 15.77
N TYR A 178 3.01 -12.31 14.72
CA TYR A 178 1.57 -12.06 14.64
C TYR A 178 0.79 -13.37 14.66
N ALA A 179 1.21 -14.33 13.84
CA ALA A 179 0.54 -15.61 13.79
C ALA A 179 0.61 -16.34 15.13
N ASP A 180 1.79 -16.36 15.75
CA ASP A 180 1.94 -17.05 17.04
C ASP A 180 1.11 -16.39 18.14
N THR A 181 0.90 -15.08 18.04
CA THR A 181 0.06 -14.39 19.02
C THR A 181 -1.41 -14.80 18.88
N VAL A 182 -1.92 -14.80 17.65
CA VAL A 182 -3.26 -15.31 17.38
C VAL A 182 -3.40 -16.73 17.94
N LYS A 183 -2.40 -17.56 17.69
CA LYS A 183 -2.46 -18.93 18.21
C LYS A 183 -2.50 -18.93 19.73
N TYR A 184 -1.60 -18.17 20.35
CA TYR A 184 -1.60 -18.06 21.82
C TYR A 184 -2.97 -17.63 22.33
N LEU A 185 -3.56 -16.62 21.69
CA LEU A 185 -4.83 -16.08 22.17
C LEU A 185 -5.95 -17.10 21.97
N SER A 186 -5.92 -17.84 20.87
CA SER A 186 -6.98 -18.81 20.62
C SER A 186 -6.93 -19.97 21.62
N GLU A 187 -5.74 -20.29 22.13
CA GLU A 187 -5.57 -21.30 23.16
C GLU A 187 -5.88 -20.76 24.55
N LYS A 188 -6.11 -19.46 24.68
CA LYS A 188 -6.28 -18.81 25.98
C LYS A 188 -7.69 -18.99 26.54
N ALA B 1 -5.86 22.95 -22.87
CA ALA B 1 -5.47 22.32 -21.63
C ALA B 1 -5.66 23.19 -20.41
N GLN B 2 -6.66 24.09 -20.41
CA GLN B 2 -6.81 25.08 -19.35
C GLN B 2 -6.57 24.48 -17.97
N TYR B 3 -5.51 24.94 -17.32
CA TYR B 3 -5.11 24.45 -16.01
C TYR B 3 -5.83 25.24 -14.92
N GLU B 4 -6.26 24.52 -13.89
CA GLU B 4 -7.01 25.11 -12.80
C GLU B 4 -6.53 24.53 -11.48
N ASP B 5 -6.25 25.42 -10.51
CA ASP B 5 -5.97 24.97 -9.16
C ASP B 5 -7.14 24.14 -8.65
N GLY B 6 -6.82 22.95 -8.14
CA GLY B 6 -7.81 21.99 -7.73
C GLY B 6 -8.15 20.95 -8.78
N LYS B 7 -7.81 21.21 -10.04
CA LYS B 7 -8.05 20.22 -11.08
C LYS B 7 -6.80 19.40 -11.34
N GLN B 8 -5.86 19.94 -12.13
CA GLN B 8 -4.62 19.24 -12.42
C GLN B 8 -3.60 19.34 -11.30
N TYR B 9 -3.74 20.29 -10.39
CA TYR B 9 -2.74 20.53 -9.37
C TYR B 9 -3.38 21.27 -8.20
N THR B 10 -2.69 21.24 -7.07
CA THR B 10 -3.00 22.06 -5.92
C THR B 10 -1.79 22.91 -5.57
N THR B 11 -1.99 23.86 -4.67
CA THR B 11 -0.97 24.84 -4.31
C THR B 11 -0.65 24.73 -2.84
N LEU B 12 0.63 24.82 -2.51
CA LEU B 12 1.07 24.62 -1.13
C LEU B 12 0.66 25.82 -0.28
N GLU B 13 0.03 25.51 0.86
CA GLU B 13 -0.30 26.50 1.87
C GLU B 13 0.87 27.40 2.21
N LYS B 14 2.06 26.82 2.39
CA LYS B 14 3.26 27.58 2.72
C LYS B 14 4.46 27.00 1.96
N PRO B 15 4.92 27.70 0.92
CA PRO B 15 6.02 27.19 0.07
C PRO B 15 7.29 26.78 0.81
N VAL B 16 8.15 26.03 0.13
CA VAL B 16 9.40 25.51 0.70
C VAL B 16 10.57 26.11 -0.08
N ALA B 17 11.36 26.93 0.60
CA ALA B 17 12.50 27.58 -0.05
C ALA B 17 13.58 26.57 -0.39
N GLY B 18 14.23 26.77 -1.54
CA GLY B 18 15.34 25.92 -1.93
C GLY B 18 14.96 24.51 -2.30
N ALA B 19 13.70 24.26 -2.63
CA ALA B 19 13.26 22.92 -2.98
C ALA B 19 13.72 22.59 -4.39
N PRO B 20 13.85 21.30 -4.71
CA PRO B 20 14.18 20.91 -6.09
C PRO B 20 13.11 21.39 -7.06
N GLN B 21 13.55 21.67 -8.29
CA GLN B 21 12.62 22.13 -9.32
C GLN B 21 11.49 21.13 -9.50
N VAL B 22 11.81 19.87 -9.76
CA VAL B 22 10.84 18.80 -9.93
C VAL B 22 11.23 17.68 -8.97
N LEU B 23 10.41 17.44 -7.96
CA LEU B 23 10.73 16.51 -6.88
C LEU B 23 9.63 15.47 -6.78
N GLU B 24 9.99 14.22 -7.05
CA GLU B 24 9.06 13.10 -6.95
C GLU B 24 9.38 12.27 -5.70
N PHE B 25 8.33 11.85 -4.99
CA PHE B 25 8.47 10.95 -3.86
C PHE B 25 7.88 9.59 -4.20
N PHE B 26 8.47 8.53 -3.64
CA PHE B 26 7.95 7.18 -3.88
C PHE B 26 8.39 6.27 -2.74
N SER B 27 7.84 5.06 -2.73
CA SER B 27 8.33 3.98 -1.89
C SER B 27 8.34 2.68 -2.70
N PHE B 28 9.32 1.81 -2.40
CA PHE B 28 9.31 0.50 -3.03
C PHE B 28 8.19 -0.40 -2.51
N PHE B 29 7.54 -0.05 -1.40
CA PHE B 29 6.35 -0.74 -0.92
C PHE B 29 5.06 -0.23 -1.57
N CYS B 30 5.14 0.87 -2.30
CA CYS B 30 3.95 1.58 -2.75
C CYS B 30 3.51 1.03 -4.10
N PRO B 31 2.38 0.30 -4.17
CA PRO B 31 1.98 -0.34 -5.44
C PRO B 31 1.67 0.67 -6.53
N HIS B 32 1.04 1.78 -6.20
CA HIS B 32 0.75 2.73 -7.26
C HIS B 32 2.04 3.39 -7.77
N CYS B 33 3.08 3.46 -6.91
CA CYS B 33 4.39 3.95 -7.33
C CYS B 33 5.03 3.00 -8.35
N TYR B 34 4.92 1.70 -8.09
CA TYR B 34 5.33 0.67 -9.05
C TYR B 34 4.62 0.89 -10.38
N GLN B 35 3.30 1.12 -10.33
CA GLN B 35 2.52 1.40 -11.53
C GLN B 35 3.02 2.65 -12.25
N PHE B 36 3.23 3.75 -11.51
CA PHE B 36 3.70 4.99 -12.12
C PHE B 36 5.00 4.79 -12.90
N GLU B 37 5.95 4.06 -12.31
CA GLU B 37 7.28 3.99 -12.91
C GLU B 37 7.33 2.93 -14.01
N GLU B 38 6.78 1.74 -13.75
CA GLU B 38 7.05 0.61 -14.64
C GLU B 38 5.97 0.36 -15.67
N VAL B 39 4.77 0.90 -15.48
CA VAL B 39 3.68 0.74 -16.44
C VAL B 39 3.37 2.05 -17.14
N LEU B 40 3.17 3.13 -16.37
CA LEU B 40 2.83 4.42 -16.96
C LEU B 40 4.04 5.21 -17.44
N HIS B 41 5.23 4.90 -16.93
CA HIS B 41 6.44 5.67 -17.24
C HIS B 41 6.24 7.16 -16.97
N ILE B 42 5.66 7.48 -15.81
CA ILE B 42 5.37 8.88 -15.48
C ILE B 42 6.64 9.73 -15.53
N SER B 43 7.70 9.28 -14.85
CA SER B 43 8.94 10.07 -14.78
C SER B 43 9.53 10.31 -16.17
N ASP B 44 9.57 9.28 -17.02
CA ASP B 44 10.08 9.46 -18.38
C ASP B 44 9.27 10.49 -19.14
N ASN B 45 7.95 10.43 -19.02
CA ASN B 45 7.14 11.31 -19.85
C ASN B 45 7.21 12.73 -19.34
N VAL B 46 7.34 12.92 -18.02
CA VAL B 46 7.62 14.25 -17.48
C VAL B 46 8.97 14.76 -18.00
N LYS B 47 10.01 13.93 -17.91
CA LYS B 47 11.34 14.39 -18.31
C LYS B 47 11.37 14.82 -19.78
N LYS B 48 10.76 14.03 -20.66
CA LYS B 48 10.88 14.36 -22.08
C LYS B 48 10.07 15.59 -22.46
N LYS B 49 9.33 16.19 -21.54
CA LYS B 49 8.65 17.44 -21.79
C LYS B 49 9.15 18.58 -20.92
N LEU B 50 10.13 18.33 -20.05
CA LEU B 50 10.65 19.38 -19.20
C LEU B 50 11.43 20.41 -20.03
N PRO B 51 11.30 21.69 -19.71
CA PRO B 51 12.10 22.70 -20.42
C PRO B 51 13.57 22.49 -20.12
N GLU B 52 14.40 23.05 -21.00
CA GLU B 52 15.84 22.87 -20.87
C GLU B 52 16.33 23.47 -19.56
N GLY B 53 17.32 22.82 -18.95
CA GLY B 53 17.84 23.24 -17.67
C GLY B 53 17.09 22.69 -16.46
N VAL B 54 15.89 22.14 -16.66
CA VAL B 54 15.05 21.68 -15.56
C VAL B 54 15.41 20.22 -15.26
N LYS B 55 15.92 19.98 -14.05
CA LYS B 55 16.38 18.67 -13.62
C LYS B 55 15.35 18.01 -12.70
N MET B 56 15.28 16.68 -12.78
CA MET B 56 14.33 15.93 -11.96
C MET B 56 15.03 15.28 -10.79
N THR B 57 14.35 15.25 -9.66
CA THR B 57 14.84 14.65 -8.43
C THR B 57 13.77 13.71 -7.90
N LYS B 58 14.19 12.50 -7.49
CA LYS B 58 13.27 11.50 -6.97
C LYS B 58 13.82 10.97 -5.65
N TYR B 59 12.99 11.05 -4.60
CA TYR B 59 13.36 10.61 -3.25
C TYR B 59 12.44 9.48 -2.79
N HIS B 60 13.00 8.61 -1.96
CA HIS B 60 12.28 7.53 -1.30
C HIS B 60 11.78 8.01 0.07
N VAL B 61 10.73 7.36 0.58
CA VAL B 61 10.14 7.79 1.84
C VAL B 61 10.16 6.64 2.84
N ASN B 62 10.11 7.02 4.12
CA ASN B 62 10.24 6.08 5.22
C ASN B 62 8.93 5.41 5.63
N PHE B 63 7.78 6.03 5.33
CA PHE B 63 6.58 5.75 6.08
C PHE B 63 5.74 4.62 5.50
N MET B 64 6.31 3.79 4.64
CA MET B 64 5.68 2.54 4.26
C MET B 64 6.63 1.38 4.52
N GLY B 65 6.06 0.23 4.88
CA GLY B 65 6.84 -0.97 5.07
C GLY B 65 7.61 -1.06 6.37
N GLY B 66 7.20 -0.32 7.40
CA GLY B 66 7.86 -0.42 8.70
C GLY B 66 9.31 0.01 8.66
N ASP B 67 10.12 -0.66 9.48
CA ASP B 67 11.55 -0.34 9.54
C ASP B 67 12.28 -0.69 8.26
N LEU B 68 11.80 -1.70 7.52
CA LEU B 68 12.42 -1.98 6.23
C LEU B 68 12.27 -0.79 5.28
N GLY B 69 11.22 0.01 5.45
CA GLY B 69 11.07 1.18 4.60
C GLY B 69 12.20 2.16 4.79
N LYS B 70 12.64 2.35 6.03
CA LYS B 70 13.76 3.24 6.30
C LYS B 70 15.06 2.70 5.69
N ASP B 71 15.24 1.37 5.71
CA ASP B 71 16.41 0.79 5.05
C ASP B 71 16.35 1.00 3.54
N LEU B 72 15.15 0.95 2.95
CA LEU B 72 15.04 1.18 1.52
C LEU B 72 15.30 2.63 1.17
N THR B 73 15.04 3.57 2.08
CA THR B 73 15.41 4.95 1.83
C THR B 73 16.92 5.12 1.79
N GLN B 74 17.62 4.45 2.71
CA GLN B 74 19.08 4.47 2.68
C GLN B 74 19.62 3.73 1.48
N ALA B 75 18.95 2.65 1.05
CA ALA B 75 19.37 1.94 -0.16
C ALA B 75 19.17 2.81 -1.39
N TRP B 76 18.09 3.59 -1.43
CA TRP B 76 17.86 4.47 -2.56
C TRP B 76 18.94 5.56 -2.63
N ALA B 77 19.38 6.03 -1.46
CA ALA B 77 20.52 6.95 -1.40
C ALA B 77 21.80 6.30 -1.94
N VAL B 78 22.03 5.03 -1.62
CA VAL B 78 23.16 4.31 -2.22
C VAL B 78 23.02 4.27 -3.75
N ALA B 79 21.81 3.95 -4.25
CA ALA B 79 21.59 3.90 -5.68
C ALA B 79 21.86 5.25 -6.34
N MET B 80 21.47 6.34 -5.69
CA MET B 80 21.75 7.67 -6.21
C MET B 80 23.24 7.96 -6.20
N ALA B 81 23.93 7.60 -5.12
CA ALA B 81 25.36 7.91 -5.01
C ALA B 81 26.18 7.08 -5.99
N LEU B 82 25.78 5.83 -6.25
CA LEU B 82 26.48 5.04 -7.23
C LEU B 82 25.97 5.26 -8.66
N GLY B 83 24.87 5.98 -8.82
CA GLY B 83 24.31 6.18 -10.14
C GLY B 83 23.78 4.91 -10.76
N VAL B 84 23.12 4.06 -9.97
CA VAL B 84 22.60 2.80 -10.50
C VAL B 84 21.08 2.73 -10.37
N GLU B 85 20.42 3.89 -10.35
CA GLU B 85 18.96 3.93 -10.30
C GLU B 85 18.32 3.09 -11.40
N ASP B 86 18.87 3.16 -12.62
CA ASP B 86 18.30 2.46 -13.76
C ASP B 86 18.80 1.01 -13.88
N LYS B 87 19.42 0.48 -12.84
CA LYS B 87 19.69 -0.94 -12.76
C LYS B 87 18.98 -1.63 -11.60
N VAL B 88 18.75 -0.94 -10.48
CA VAL B 88 18.20 -1.60 -9.30
C VAL B 88 16.73 -1.29 -9.07
N THR B 89 16.15 -0.33 -9.79
CA THR B 89 14.76 0.03 -9.52
C THR B 89 13.82 -1.16 -9.74
N VAL B 90 14.01 -1.92 -10.83
CA VAL B 90 13.14 -3.06 -11.12
C VAL B 90 13.36 -4.21 -10.14
N PRO B 91 14.60 -4.65 -9.87
CA PRO B 91 14.76 -5.71 -8.87
C PRO B 91 14.24 -5.31 -7.51
N LEU B 92 14.28 -4.01 -7.16
CA LEU B 92 13.82 -3.61 -5.83
C LEU B 92 12.30 -3.64 -5.76
N PHE B 93 11.63 -3.06 -6.77
CA PHE B 93 10.17 -3.14 -6.84
C PHE B 93 9.70 -4.58 -6.85
N GLU B 94 10.31 -5.41 -7.72
CA GLU B 94 9.87 -6.79 -7.84
C GLU B 94 10.22 -7.60 -6.59
N GLY B 95 11.38 -7.33 -6.00
CA GLY B 95 11.79 -8.09 -4.83
C GLY B 95 10.92 -7.80 -3.62
N VAL B 96 10.47 -6.56 -3.48
CA VAL B 96 9.56 -6.21 -2.39
C VAL B 96 8.15 -6.68 -2.69
N GLN B 97 7.60 -6.35 -3.86
CA GLN B 97 6.18 -6.54 -4.10
C GLN B 97 5.82 -7.78 -4.93
N LYS B 98 6.72 -8.27 -5.78
CA LYS B 98 6.36 -9.30 -6.76
C LYS B 98 6.89 -10.67 -6.35
N THR B 99 8.20 -10.89 -6.44
CA THR B 99 8.77 -12.15 -5.95
C THR B 99 8.84 -12.23 -4.43
N GLN B 100 8.81 -11.08 -3.76
CA GLN B 100 8.81 -11.01 -2.29
C GLN B 100 10.02 -11.75 -1.72
N THR B 101 11.17 -11.47 -2.32
CA THR B 101 12.46 -11.97 -1.86
C THR B 101 13.24 -10.92 -1.09
N ILE B 102 12.70 -9.70 -0.98
CA ILE B 102 13.32 -8.63 -0.21
C ILE B 102 12.52 -8.56 1.08
N ARG B 103 13.09 -9.10 2.16
CA ARG B 103 12.38 -9.17 3.43
C ARG B 103 13.14 -8.48 4.54
N SER B 104 14.40 -8.11 4.30
CA SER B 104 15.26 -7.50 5.30
C SER B 104 16.38 -6.77 4.57
N ALA B 105 17.14 -5.99 5.33
CA ALA B 105 18.20 -5.17 4.74
C ALA B 105 19.21 -6.00 3.95
N SER B 106 19.49 -7.22 4.43
CA SER B 106 20.47 -8.07 3.74
C SER B 106 19.99 -8.44 2.35
N ASP B 107 18.67 -8.61 2.16
CA ASP B 107 18.16 -8.92 0.84
C ASP B 107 18.35 -7.75 -0.12
N ILE B 108 18.29 -6.53 0.39
CA ILE B 108 18.54 -5.34 -0.44
C ILE B 108 19.97 -5.36 -0.97
N ARG B 109 20.94 -5.69 -0.11
CA ARG B 109 22.32 -5.77 -0.55
C ARG B 109 22.49 -6.78 -1.69
N ASP B 110 21.82 -7.93 -1.59
CA ASP B 110 21.93 -8.95 -2.64
C ASP B 110 21.50 -8.40 -3.99
N VAL B 111 20.47 -7.56 -4.00
CA VAL B 111 19.99 -6.97 -5.25
C VAL B 111 21.09 -6.16 -5.92
N PHE B 112 21.80 -5.31 -5.14
CA PHE B 112 22.89 -4.51 -5.69
C PHE B 112 24.06 -5.40 -6.12
N ILE B 113 24.38 -6.42 -5.31
CA ILE B 113 25.45 -7.34 -5.67
C ILE B 113 25.08 -8.07 -6.94
N ASN B 114 23.83 -8.53 -7.04
CA ASN B 114 23.39 -9.23 -8.24
C ASN B 114 23.42 -8.33 -9.47
N ALA B 115 23.23 -7.02 -9.28
CA ALA B 115 23.34 -6.04 -10.36
C ALA B 115 24.79 -5.66 -10.68
N GLY B 116 25.77 -6.28 -10.03
CA GLY B 116 27.15 -6.05 -10.38
C GLY B 116 27.90 -5.09 -9.48
N ILE B 117 27.26 -4.54 -8.46
CA ILE B 117 28.00 -3.76 -7.47
C ILE B 117 28.70 -4.72 -6.52
N LYS B 118 30.00 -4.54 -6.32
CA LYS B 118 30.71 -5.38 -5.37
C LYS B 118 30.20 -5.11 -3.95
N GLY B 119 30.09 -6.19 -3.17
CA GLY B 119 29.59 -6.06 -1.82
C GLY B 119 30.37 -5.07 -0.98
N GLU B 120 31.70 -5.10 -1.11
CA GLU B 120 32.55 -4.15 -0.40
C GLU B 120 32.16 -2.71 -0.73
N GLU B 121 31.84 -2.45 -2.00
CA GLU B 121 31.50 -1.09 -2.44
C GLU B 121 30.12 -0.68 -1.96
N TYR B 122 29.13 -1.57 -2.09
CA TYR B 122 27.82 -1.29 -1.51
C TYR B 122 27.93 -0.94 -0.05
N ASP B 123 28.72 -1.73 0.71
CA ASP B 123 28.91 -1.47 2.12
C ASP B 123 29.60 -0.13 2.36
N ALA B 124 30.68 0.15 1.62
CA ALA B 124 31.32 1.47 1.77
C ALA B 124 30.33 2.58 1.44
N ALA B 125 29.58 2.45 0.35
CA ALA B 125 28.53 3.41 0.05
C ALA B 125 27.53 3.52 1.19
N TRP B 126 26.99 2.38 1.64
CA TRP B 126 25.99 2.39 2.70
C TRP B 126 26.43 3.24 3.88
N ASN B 127 27.68 3.11 4.28
CA ASN B 127 28.24 3.80 5.43
C ASN B 127 28.89 5.13 5.09
N SER B 128 28.73 5.62 3.86
CA SER B 128 29.47 6.81 3.45
C SER B 128 28.82 8.08 3.98
N PHE B 129 29.62 9.15 3.99
CA PHE B 129 29.09 10.46 4.33
C PHE B 129 28.08 10.94 3.30
N VAL B 130 28.33 10.66 2.01
CA VAL B 130 27.37 11.06 0.97
C VAL B 130 26.01 10.43 1.22
N VAL B 131 25.98 9.15 1.60
CA VAL B 131 24.71 8.46 1.75
C VAL B 131 23.97 8.95 2.99
N LYS B 132 24.70 9.21 4.07
CA LYS B 132 24.05 9.70 5.28
C LYS B 132 23.49 11.10 5.07
N SER B 133 24.19 11.92 4.30
CA SER B 133 23.66 13.23 3.92
C SER B 133 22.46 13.12 2.99
N LEU B 134 22.48 12.15 2.06
CA LEU B 134 21.34 11.96 1.17
C LEU B 134 20.11 11.46 1.93
N VAL B 135 20.31 10.58 2.92
CA VAL B 135 19.19 10.14 3.74
C VAL B 135 18.56 11.34 4.45
N ALA B 136 19.39 12.20 5.02
CA ALA B 136 18.84 13.37 5.73
C ALA B 136 18.14 14.32 4.76
N GLN B 137 18.66 14.47 3.54
CA GLN B 137 17.99 15.30 2.54
C GLN B 137 16.60 14.76 2.22
N GLN B 138 16.50 13.45 1.98
CA GLN B 138 15.21 12.86 1.62
C GLN B 138 14.20 13.03 2.75
N GLU B 139 14.62 12.80 3.99
CA GLU B 139 13.69 12.94 5.11
C GLU B 139 13.29 14.40 5.30
N LYS B 140 14.26 15.33 5.21
CA LYS B 140 13.95 16.75 5.35
C LYS B 140 12.99 17.24 4.28
N ALA B 141 13.23 16.85 3.02
CA ALA B 141 12.36 17.31 1.94
C ALA B 141 10.93 16.82 2.13
N ALA B 142 10.76 15.60 2.63
CA ALA B 142 9.42 15.10 2.92
C ALA B 142 8.78 15.89 4.06
N ALA B 143 9.54 16.17 5.12
CA ALA B 143 9.00 16.96 6.22
C ALA B 143 8.65 18.37 5.79
N ASP B 144 9.42 18.94 4.87
CA ASP B 144 9.18 20.33 4.45
C ASP B 144 7.85 20.48 3.73
N VAL B 145 7.42 19.45 2.99
CA VAL B 145 6.12 19.48 2.35
C VAL B 145 5.06 18.74 3.18
N GLN B 146 5.39 18.39 4.42
CA GLN B 146 4.57 17.54 5.29
C GLN B 146 3.89 16.44 4.50
N LEU B 147 4.72 15.60 3.89
CA LEU B 147 4.24 14.57 2.98
C LEU B 147 3.41 13.54 3.73
N ARG B 148 2.25 13.21 3.17
CA ARG B 148 1.39 12.22 3.80
C ARG B 148 1.20 10.96 2.98
N GLY B 149 1.49 10.98 1.68
CA GLY B 149 1.35 9.78 0.88
C GLY B 149 2.18 9.86 -0.38
N VAL B 150 2.37 8.71 -1.01
CA VAL B 150 3.06 8.59 -2.30
C VAL B 150 2.17 7.79 -3.23
N PRO B 151 2.39 7.87 -4.56
CA PRO B 151 3.28 8.76 -5.31
C PRO B 151 2.92 10.22 -5.10
N ALA B 152 3.92 11.11 -5.20
CA ALA B 152 3.67 12.54 -5.14
C ALA B 152 4.77 13.25 -5.92
N MET B 153 4.43 14.40 -6.47
CA MET B 153 5.37 15.23 -7.19
C MET B 153 5.12 16.70 -6.84
N PHE B 154 6.21 17.44 -6.65
CA PHE B 154 6.14 18.85 -6.30
C PHE B 154 6.99 19.65 -7.28
N VAL B 155 6.46 20.77 -7.75
CA VAL B 155 7.16 21.62 -8.70
C VAL B 155 7.60 22.86 -7.97
N ASN B 156 8.92 23.08 -7.93
CA ASN B 156 9.54 24.25 -7.34
C ASN B 156 9.21 24.40 -5.86
N GLY B 157 8.70 23.34 -5.24
CA GLY B 157 8.30 23.40 -3.85
C GLY B 157 7.08 24.23 -3.56
N LYS B 158 6.35 24.66 -4.58
CA LYS B 158 5.19 25.51 -4.40
C LYS B 158 3.89 24.84 -4.84
N TYR B 159 3.96 23.90 -5.78
CA TYR B 159 2.78 23.27 -6.37
C TYR B 159 2.86 21.75 -6.25
N GLN B 160 1.72 21.12 -6.03
CA GLN B 160 1.61 19.67 -5.91
C GLN B 160 0.70 19.14 -7.01
N LEU B 161 1.18 18.13 -7.73
CA LEU B 161 0.41 17.50 -8.78
C LEU B 161 -0.83 16.82 -8.19
N ASN B 162 -1.92 16.84 -8.96
CA ASN B 162 -3.21 16.30 -8.54
C ASN B 162 -3.76 15.32 -9.58
N PRO B 163 -3.15 14.14 -9.70
CA PRO B 163 -3.67 13.18 -10.70
C PRO B 163 -5.13 12.81 -10.48
N GLN B 164 -5.64 12.95 -9.24
CA GLN B 164 -7.04 12.68 -8.94
C GLN B 164 -7.99 13.51 -9.79
N GLY B 165 -7.59 14.71 -10.18
CA GLY B 165 -8.43 15.60 -10.96
C GLY B 165 -8.16 15.59 -12.44
N MET B 166 -7.37 14.66 -12.94
CA MET B 166 -7.08 14.53 -14.36
C MET B 166 -7.99 13.46 -14.97
N ASP B 167 -7.80 13.25 -16.27
CA ASP B 167 -8.58 12.26 -17.02
C ASP B 167 -8.04 10.88 -16.69
N THR B 168 -8.71 10.19 -15.77
CA THR B 168 -8.31 8.86 -15.33
C THR B 168 -8.84 7.75 -16.24
N SER B 169 -9.56 8.10 -17.30
CA SER B 169 -10.10 7.09 -18.20
C SER B 169 -9.05 6.59 -19.17
N ASN B 170 -8.50 7.50 -19.97
CA ASN B 170 -7.48 7.18 -20.96
C ASN B 170 -6.12 7.39 -20.31
N MET B 171 -5.36 6.31 -20.12
CA MET B 171 -4.05 6.45 -19.48
C MET B 171 -3.08 7.23 -20.36
N ASP B 172 -3.10 6.98 -21.67
CA ASP B 172 -2.22 7.71 -22.59
C ASP B 172 -2.47 9.22 -22.47
N VAL B 173 -3.74 9.62 -22.46
CA VAL B 173 -4.06 11.04 -22.28
C VAL B 173 -3.71 11.47 -20.86
N PHE B 174 -3.99 10.61 -19.88
CA PHE B 174 -3.63 10.90 -18.49
C PHE B 174 -2.14 11.18 -18.35
N VAL B 175 -1.30 10.30 -18.91
CA VAL B 175 0.14 10.46 -18.72
C VAL B 175 0.61 11.79 -19.32
N GLN B 176 0.12 12.12 -20.52
CA GLN B 176 0.55 13.38 -21.12
C GLN B 176 -0.06 14.58 -20.41
N GLN B 177 -1.24 14.42 -19.83
CA GLN B 177 -1.81 15.47 -18.99
C GLN B 177 -0.94 15.73 -17.77
N TYR B 178 -0.49 14.65 -17.11
CA TYR B 178 0.42 14.80 -15.98
C TYR B 178 1.73 15.47 -16.42
N ALA B 179 2.32 14.99 -17.52
CA ALA B 179 3.60 15.56 -17.98
C ALA B 179 3.43 17.02 -18.40
N ASP B 180 2.32 17.35 -19.06
CA ASP B 180 2.10 18.74 -19.48
C ASP B 180 1.84 19.65 -18.28
N THR B 181 1.20 19.12 -17.23
CA THR B 181 0.96 19.92 -16.03
C THR B 181 2.29 20.31 -15.37
N VAL B 182 3.21 19.33 -15.24
CA VAL B 182 4.52 19.63 -14.67
C VAL B 182 5.22 20.70 -15.50
N LYS B 183 5.17 20.55 -16.83
CA LYS B 183 5.82 21.53 -17.70
C LYS B 183 5.20 22.90 -17.51
N TYR B 184 3.87 22.96 -17.53
CA TYR B 184 3.18 24.22 -17.29
C TYR B 184 3.58 24.81 -15.95
N LEU B 185 3.58 24.00 -14.89
CA LEU B 185 3.88 24.52 -13.56
C LEU B 185 5.32 25.01 -13.44
N SER B 186 6.24 24.36 -14.13
CA SER B 186 7.64 24.79 -14.11
C SER B 186 7.87 26.07 -14.89
N GLU B 187 6.89 26.52 -15.67
CA GLU B 187 6.96 27.78 -16.40
C GLU B 187 6.14 28.87 -15.73
N LYS B 188 5.65 28.64 -14.52
CA LYS B 188 4.95 29.67 -13.76
C LYS B 188 5.95 30.43 -12.90
#